data_9RLP
#
_entry.id   9RLP
#
_cell.length_a   45.210
_cell.length_b   68.080
_cell.length_c   156.760
_cell.angle_alpha   90.000
_cell.angle_beta   90.000
_cell.angle_gamma   90.000
#
_symmetry.space_group_name_H-M   'P 21 21 21'
#
loop_
_entity.id
_entity.type
_entity.pdbx_description
1 polymer 'Protein mono-ADP-ribosyltransferase PARP15'
2 non-polymer 6-[(3-fluorophenyl)methoxy]-2,3-dihydrophthalazine-1,4-dione
3 non-polymer 'DIMETHYL SULFOXIDE'
4 water water
#
_entity_poly.entity_id   1
_entity_poly.type   'polypeptide(L)'
_entity_poly.pdbx_seq_one_letter_code
;SMNLPEHWTDMNHQLFCMVQLEPGQSEYNTIKDKFTRTCSSYAIEKIERIQNAFLWQSYQVKKRQMDIKNDHKNNERLLF
HGTDADSVPYVNQHGFNRSCAGKNAVSYGKGTYFAVDASYSAKDTYSKPDSNGRKHMYVVRVLTGVFTKGRAGLVTPPPK
NPHNPTDLFDSVTNNTRSPKLFVVFFDNQAYPEYLITFTA
;
_entity_poly.pdbx_strand_id   A,B
#
# COMPACT_ATOMS: atom_id res chain seq x y z
N ASN A 3 16.62 12.30 8.39
CA ASN A 3 15.79 11.10 8.69
C ASN A 3 14.50 11.56 9.41
N LEU A 4 14.49 11.60 10.74
CA LEU A 4 13.26 11.85 11.54
C LEU A 4 13.09 13.36 11.75
N PRO A 5 11.85 13.90 11.69
CA PRO A 5 11.62 15.35 11.82
C PRO A 5 12.14 15.98 13.13
N GLU A 6 12.45 17.28 13.07
CA GLU A 6 13.09 18.02 14.18
C GLU A 6 12.13 18.14 15.36
N HIS A 7 10.85 18.47 15.10
CA HIS A 7 9.80 18.71 16.13
C HIS A 7 9.50 17.43 16.92
N TRP A 8 9.94 16.26 16.44
CA TRP A 8 9.77 14.99 17.19
C TRP A 8 10.68 14.97 18.40
N THR A 9 10.26 14.33 19.47
CA THR A 9 11.06 14.23 20.70
C THR A 9 11.61 12.82 20.79
N ASP A 10 12.66 12.66 21.58
CA ASP A 10 13.49 11.43 21.65
C ASP A 10 12.60 10.25 22.01
N MET A 11 12.92 9.08 21.46
CA MET A 11 12.04 7.90 21.58
C MET A 11 12.79 6.76 22.24
N ASN A 12 13.92 7.06 22.90
CA ASN A 12 14.71 6.05 23.64
C ASN A 12 14.96 4.85 22.71
N HIS A 13 15.35 5.12 21.46
CA HIS A 13 15.80 4.11 20.48
C HIS A 13 14.61 3.29 19.98
N GLN A 14 13.38 3.68 20.31
CA GLN A 14 12.16 3.02 19.78
C GLN A 14 11.69 3.76 18.53
N LEU A 15 10.72 3.16 17.87
CA LEU A 15 10.33 3.55 16.50
C LEU A 15 8.89 4.04 16.50
N PHE A 16 8.18 3.95 17.62
CA PHE A 16 6.77 4.38 17.70
C PHE A 16 6.51 5.01 19.05
N CYS A 17 5.93 6.20 19.05
CA CYS A 17 5.49 6.89 20.28
C CYS A 17 4.33 7.85 19.94
N MET A 18 3.30 7.85 20.77
CA MET A 18 2.24 8.89 20.81
C MET A 18 2.64 9.91 21.89
N VAL A 19 2.87 11.17 21.51
CA VAL A 19 3.35 12.21 22.46
C VAL A 19 2.26 13.25 22.68
N GLN A 20 1.72 13.32 23.89
CA GLN A 20 0.70 14.34 24.23
C GLN A 20 1.37 15.72 24.14
N LEU A 21 0.72 16.66 23.45
CA LEU A 21 1.23 18.05 23.37
C LEU A 21 0.79 18.85 24.60
N GLU A 22 1.62 19.82 24.99
CA GLU A 22 1.38 20.77 26.11
C GLU A 22 0.48 21.88 25.61
N PRO A 23 -0.75 22.02 26.17
CA PRO A 23 -1.64 23.13 25.84
C PRO A 23 -0.95 24.48 26.00
N GLY A 24 -1.13 25.38 25.04
CA GLY A 24 -0.60 26.75 25.10
C GLY A 24 0.79 26.88 24.51
N GLN A 25 1.46 25.79 24.12
CA GLN A 25 2.71 25.91 23.33
C GLN A 25 2.35 25.95 21.85
N SER A 26 3.27 26.48 21.06
CA SER A 26 3.11 26.80 19.63
C SER A 26 2.50 25.62 18.86
N GLU A 27 3.06 24.42 19.03
CA GLU A 27 2.66 23.25 18.20
C GLU A 27 1.19 22.90 18.47
N TYR A 28 0.84 22.74 19.75
CA TYR A 28 -0.54 22.53 20.21
C TYR A 28 -1.45 23.63 19.64
N ASN A 29 -1.01 24.89 19.72
CA ASN A 29 -1.84 26.07 19.33
C ASN A 29 -2.09 26.02 17.83
N THR A 30 -1.08 25.67 17.03
CA THR A 30 -1.25 25.58 15.56
C THR A 30 -2.32 24.54 15.23
N ILE A 31 -2.26 23.36 15.85
CA ILE A 31 -3.19 22.26 15.49
C ILE A 31 -4.60 22.61 16.02
N LYS A 32 -4.70 23.12 17.24
CA LYS A 32 -5.99 23.55 17.84
C LYS A 32 -6.66 24.58 16.92
N ASP A 33 -5.89 25.54 16.38
CA ASP A 33 -6.40 26.62 15.48
C ASP A 33 -7.02 26.01 14.24
N LYS A 34 -6.38 25.01 13.64
CA LYS A 34 -6.88 24.34 12.41
C LYS A 34 -8.23 23.68 12.70
N PHE A 35 -8.36 23.07 13.86
CA PHE A 35 -9.58 22.38 14.32
C PHE A 35 -10.69 23.39 14.64
N THR A 36 -10.39 24.44 15.42
CA THR A 36 -11.44 25.36 15.96
C THR A 36 -11.91 26.29 14.86
N ARG A 37 -11.21 26.38 13.74
CA ARG A 37 -11.73 27.13 12.58
C ARG A 37 -13.15 26.65 12.23
N THR A 38 -13.49 25.37 12.38
CA THR A 38 -14.85 24.86 12.04
C THR A 38 -15.48 24.09 13.21
N CYS A 39 -14.75 23.84 14.29
CA CYS A 39 -15.14 22.96 15.41
C CYS A 39 -14.95 23.71 16.73
N SER A 40 -15.11 25.02 16.74
CA SER A 40 -15.00 25.85 17.98
C SER A 40 -16.03 25.44 19.04
N SER A 41 -17.08 24.71 18.68
CA SER A 41 -18.16 24.34 19.62
C SER A 41 -17.82 23.03 20.34
N TYR A 42 -16.74 22.35 19.91
CA TYR A 42 -16.35 21.05 20.52
C TYR A 42 -15.41 21.34 21.70
N ALA A 43 -15.14 20.36 22.54
CA ALA A 43 -14.16 20.48 23.65
C ALA A 43 -12.98 19.53 23.38
N ILE A 44 -11.77 20.06 23.26
CA ILE A 44 -10.52 19.28 23.07
C ILE A 44 -10.09 18.72 24.44
N GLU A 45 -10.01 17.39 24.57
CA GLU A 45 -9.42 16.73 25.76
C GLU A 45 -7.89 16.75 25.62
N LYS A 46 -7.38 16.40 24.43
CA LYS A 46 -5.91 16.40 24.24
C LYS A 46 -5.54 16.26 22.76
N ILE A 47 -4.29 16.58 22.46
CA ILE A 47 -3.71 16.46 21.10
C ILE A 47 -2.41 15.69 21.26
N GLU A 48 -2.25 14.62 20.49
CA GLU A 48 -1.02 13.76 20.54
C GLU A 48 -0.34 13.84 19.18
N ARG A 49 0.97 14.06 19.18
CA ARG A 49 1.83 13.91 18.00
C ARG A 49 2.13 12.42 17.80
N ILE A 50 1.88 11.93 16.58
CA ILE A 50 2.15 10.52 16.21
C ILE A 50 3.55 10.45 15.63
N GLN A 51 4.44 9.74 16.32
CA GLN A 51 5.85 9.56 15.88
C GLN A 51 5.99 8.11 15.49
N ASN A 52 5.63 7.81 14.24
CA ASN A 52 5.69 6.44 13.71
C ASN A 52 6.78 6.41 12.65
N ALA A 53 8.00 6.00 13.03
CA ALA A 53 9.16 6.04 12.12
C ALA A 53 8.86 5.28 10.81
N PHE A 54 8.24 4.11 10.86
CA PHE A 54 8.07 3.28 9.62
C PHE A 54 7.11 3.98 8.67
N LEU A 55 5.95 4.35 9.18
CA LEU A 55 4.94 5.10 8.39
C LEU A 55 5.58 6.37 7.80
N TRP A 56 6.37 7.11 8.59
CA TRP A 56 7.01 8.35 8.11
C TRP A 56 7.97 8.02 6.95
N GLN A 57 8.78 6.97 7.09
CA GLN A 57 9.77 6.62 6.07
C GLN A 57 9.05 6.28 4.77
N SER A 58 8.04 5.43 4.83
CA SER A 58 7.28 4.97 3.64
C SER A 58 6.60 6.18 2.97
N TYR A 59 6.03 7.06 3.78
CA TYR A 59 5.40 8.31 3.29
C TYR A 59 6.41 9.26 2.63
N GLN A 60 7.58 9.49 3.24
CA GLN A 60 8.62 10.38 2.69
C GLN A 60 9.16 9.81 1.38
N VAL A 61 9.27 8.48 1.26
CA VAL A 61 9.62 7.82 -0.02
C VAL A 61 8.58 8.18 -1.07
N LYS A 62 7.28 7.99 -0.80
CA LYS A 62 6.21 8.31 -1.77
CA LYS A 62 6.20 8.32 -1.75
C LYS A 62 6.26 9.82 -2.08
N LYS A 63 6.53 10.66 -1.08
CA LYS A 63 6.58 12.12 -1.33
C LYS A 63 7.73 12.42 -2.31
N ARG A 64 8.92 11.87 -2.11
CA ARG A 64 10.06 12.15 -3.03
C ARG A 64 9.73 11.64 -4.44
N GLN A 65 9.09 10.48 -4.55
CA GLN A 65 8.63 9.91 -5.85
C GLN A 65 7.61 10.83 -6.51
N MET A 66 6.65 11.33 -5.77
CA MET A 66 5.63 12.20 -6.38
C MET A 66 6.25 13.55 -6.78
N ASP A 67 7.18 14.08 -6.00
CA ASP A 67 7.86 15.36 -6.30
C ASP A 67 8.65 15.17 -7.60
N ILE A 68 9.32 14.03 -7.78
CA ILE A 68 10.05 13.72 -9.06
C ILE A 68 9.06 13.56 -10.22
N LYS A 69 8.03 12.75 -10.06
CA LYS A 69 7.07 12.47 -11.14
C LYS A 69 6.37 13.77 -11.56
N ASN A 70 6.01 14.64 -10.62
CA ASN A 70 5.17 15.82 -10.89
C ASN A 70 6.08 17.01 -11.26
N ASP A 71 7.39 16.87 -11.08
CA ASP A 71 8.43 17.81 -11.60
C ASP A 71 8.27 19.14 -10.86
N HIS A 72 7.80 19.06 -9.62
CA HIS A 72 7.42 20.17 -8.70
C HIS A 72 6.99 19.52 -7.38
N LYS A 73 6.99 20.30 -6.31
CA LYS A 73 7.00 19.79 -4.92
C LYS A 73 5.77 20.31 -4.14
N ASN A 74 4.70 20.67 -4.84
CA ASN A 74 3.46 21.18 -4.17
C ASN A 74 2.44 20.07 -3.98
N ASN A 75 2.84 18.89 -3.49
CA ASN A 75 2.01 17.65 -3.59
C ASN A 75 1.30 17.33 -2.28
N GLU A 76 1.58 18.04 -1.20
CA GLU A 76 1.12 17.73 0.18
C GLU A 76 0.09 18.75 0.66
N ARG A 77 -0.99 18.31 1.31
CA ARG A 77 -1.97 19.14 2.05
C ARG A 77 -2.22 18.53 3.42
N LEU A 78 -2.63 19.35 4.37
CA LEU A 78 -3.06 18.89 5.69
C LEU A 78 -4.56 18.71 5.63
N LEU A 79 -5.06 17.56 5.98
CA LEU A 79 -6.51 17.26 5.94
C LEU A 79 -6.91 16.56 7.23
N PHE A 80 -8.21 16.36 7.44
CA PHE A 80 -8.75 15.71 8.66
C PHE A 80 -9.33 14.34 8.33
N HIS A 81 -9.31 13.45 9.32
CA HIS A 81 -9.94 12.12 9.21
C HIS A 81 -10.53 11.71 10.56
N GLY A 82 -11.84 11.64 10.63
CA GLY A 82 -12.56 11.15 11.80
C GLY A 82 -12.53 9.64 11.76
N THR A 83 -12.30 9.02 12.92
CA THR A 83 -12.47 7.56 13.01
C THR A 83 -13.05 7.12 14.35
N ASP A 84 -13.58 5.90 14.37
CA ASP A 84 -14.08 5.27 15.61
C ASP A 84 -12.90 4.92 16.52
N ALA A 85 -13.16 4.85 17.84
CA ALA A 85 -12.14 4.59 18.88
C ALA A 85 -11.40 3.27 18.60
N ASP A 86 -12.11 2.25 18.12
CA ASP A 86 -11.55 0.89 17.98
C ASP A 86 -10.55 0.87 16.83
N SER A 87 -10.61 1.81 15.89
CA SER A 87 -9.68 1.92 14.75
C SER A 87 -8.44 2.74 15.11
N VAL A 88 -8.46 3.45 16.24
CA VAL A 88 -7.39 4.42 16.55
C VAL A 88 -6.04 3.71 16.68
N PRO A 89 -5.90 2.63 17.50
CA PRO A 89 -4.63 1.93 17.56
C PRO A 89 -4.13 1.50 16.18
N TYR A 90 -5.01 0.94 15.36
CA TYR A 90 -4.64 0.53 13.99
C TYR A 90 -4.03 1.72 13.22
N VAL A 91 -4.71 2.86 13.19
CA VAL A 91 -4.24 4.01 12.36
C VAL A 91 -2.90 4.52 12.94
N ASN A 92 -2.77 4.57 14.27
CA ASN A 92 -1.53 5.06 14.90
C ASN A 92 -0.34 4.25 14.35
N GLN A 93 -0.51 2.93 14.24
CA GLN A 93 0.57 1.93 13.99
C GLN A 93 0.69 1.66 12.49
N HIS A 94 -0.42 1.66 11.76
CA HIS A 94 -0.41 1.16 10.36
C HIS A 94 -0.93 2.20 9.36
N GLY A 95 -1.41 3.35 9.81
CA GLY A 95 -1.95 4.37 8.90
C GLY A 95 -3.31 3.96 8.37
N PHE A 96 -3.66 4.46 7.20
CA PHE A 96 -5.04 4.43 6.67
C PHE A 96 -5.11 3.31 5.63
N ASN A 97 -6.17 2.53 5.68
CA ASN A 97 -6.30 1.28 4.88
C ASN A 97 -7.65 1.34 4.15
N ARG A 98 -7.57 1.50 2.85
CA ARG A 98 -8.77 1.54 1.96
C ARG A 98 -9.59 0.26 2.14
N SER A 99 -8.97 -0.84 2.55
CA SER A 99 -9.67 -2.14 2.73
C SER A 99 -10.59 -2.12 3.96
N CYS A 100 -10.36 -1.18 4.88
CA CYS A 100 -11.14 -1.01 6.14
C CYS A 100 -12.28 0.00 5.89
N ALA A 101 -12.04 1.08 5.14
CA ALA A 101 -12.88 2.31 5.07
C ALA A 101 -14.37 2.02 5.33
N ASN A 104 -19.42 3.56 5.44
CA ASN A 104 -19.49 5.01 5.16
C ASN A 104 -19.58 5.18 3.62
N ALA A 105 -19.59 6.42 3.12
CA ALA A 105 -19.78 6.72 1.68
C ALA A 105 -18.46 6.50 0.91
N VAL A 106 -18.58 6.06 -0.36
CA VAL A 106 -17.43 5.82 -1.28
C VAL A 106 -17.82 6.25 -2.72
N SER A 107 -18.69 7.26 -2.77
CA SER A 107 -19.26 7.88 -3.99
C SER A 107 -18.15 8.45 -4.88
N TYR A 108 -16.94 8.70 -4.39
CA TYR A 108 -15.87 9.31 -5.24
C TYR A 108 -14.74 8.30 -5.50
N GLY A 109 -14.88 7.06 -5.06
CA GLY A 109 -13.90 5.98 -5.23
C GLY A 109 -13.68 5.20 -3.96
N LYS A 110 -13.21 3.96 -4.10
CA LYS A 110 -12.86 3.03 -2.99
C LYS A 110 -11.43 3.32 -2.54
N GLY A 111 -11.26 4.45 -1.86
CA GLY A 111 -9.99 4.85 -1.25
C GLY A 111 -10.24 5.28 0.19
N THR A 112 -9.27 5.93 0.78
CA THR A 112 -9.41 6.54 2.10
C THR A 112 -9.82 7.99 1.90
N TYR A 113 -10.81 8.44 2.68
CA TYR A 113 -11.41 9.79 2.56
C TYR A 113 -10.82 10.71 3.64
N PHE A 114 -10.54 11.93 3.24
CA PHE A 114 -9.95 13.00 4.08
C PHE A 114 -10.74 14.28 3.80
N ALA A 115 -11.11 14.99 4.86
CA ALA A 115 -11.91 16.24 4.80
C ALA A 115 -11.01 17.45 4.89
N VAL A 116 -11.34 18.49 4.13
CA VAL A 116 -10.69 19.82 4.24
C VAL A 116 -11.09 20.46 5.57
N ASP A 117 -12.34 20.28 5.99
CA ASP A 117 -12.89 20.94 7.19
C ASP A 117 -13.04 19.92 8.30
N ALA A 118 -12.49 20.22 9.48
CA ALA A 118 -12.67 19.35 10.67
C ALA A 118 -14.15 19.11 10.91
N SER A 119 -15.00 20.09 10.65
CA SER A 119 -16.48 20.01 10.88
C SER A 119 -17.06 18.77 10.20
N TYR A 120 -16.54 18.40 9.06
CA TYR A 120 -17.06 17.23 8.30
C TYR A 120 -16.62 15.93 9.00
N SER A 121 -15.34 15.83 9.37
CA SER A 121 -14.80 14.66 10.11
C SER A 121 -15.39 14.55 11.52
N ALA A 122 -15.87 15.68 12.10
CA ALA A 122 -16.49 15.72 13.45
C ALA A 122 -17.86 15.02 13.44
N LYS A 123 -18.44 14.76 12.27
CA LYS A 123 -19.73 14.05 12.21
C LYS A 123 -19.59 12.69 12.90
N ASP A 124 -20.62 12.30 13.67
CA ASP A 124 -20.62 11.08 14.50
C ASP A 124 -20.45 9.84 13.61
N THR A 125 -20.91 9.90 12.36
CA THR A 125 -20.80 8.79 11.37
C THR A 125 -19.30 8.51 11.10
N TYR A 126 -18.43 9.52 11.24
CA TYR A 126 -16.97 9.37 11.03
C TYR A 126 -16.27 9.23 12.38
N SER A 127 -16.34 10.25 13.23
CA SER A 127 -15.68 10.26 14.55
C SER A 127 -16.66 9.72 15.60
N LYS A 128 -16.97 8.43 15.54
CA LYS A 128 -18.04 7.80 16.36
C LYS A 128 -17.75 8.02 17.85
N PRO A 129 -18.68 8.61 18.63
CA PRO A 129 -18.46 8.78 20.07
C PRO A 129 -18.29 7.39 20.73
N ASP A 130 -17.23 7.20 21.51
CA ASP A 130 -16.98 5.93 22.26
C ASP A 130 -17.90 5.94 23.49
N SER A 131 -17.89 4.87 24.29
CA SER A 131 -18.80 4.71 25.47
C SER A 131 -18.63 5.89 26.45
N ASN A 132 -17.53 6.65 26.36
CA ASN A 132 -17.26 7.83 27.21
C ASN A 132 -17.51 9.15 26.47
N GLY A 133 -18.18 9.12 25.31
CA GLY A 133 -18.48 10.34 24.51
C GLY A 133 -17.24 10.91 23.81
N ARG A 134 -16.12 10.23 23.90
CA ARG A 134 -14.87 10.72 23.25
C ARG A 134 -14.96 10.44 21.74
N LYS A 135 -14.64 11.47 20.96
CA LYS A 135 -14.48 11.45 19.50
C LYS A 135 -12.98 11.60 19.16
N HIS A 136 -12.57 11.08 18.01
CA HIS A 136 -11.15 10.99 17.60
C HIS A 136 -11.06 11.44 16.15
N MET A 137 -10.15 12.37 15.90
CA MET A 137 -9.94 12.94 14.57
C MET A 137 -8.44 13.07 14.36
N TYR A 138 -7.94 12.61 13.23
CA TYR A 138 -6.52 12.84 12.83
C TYR A 138 -6.44 14.11 12.02
N VAL A 139 -5.28 14.78 12.16
CA VAL A 139 -4.71 15.77 11.23
C VAL A 139 -3.65 15.03 10.42
N VAL A 140 -3.78 15.02 9.12
CA VAL A 140 -3.09 14.03 8.25
C VAL A 140 -2.32 14.80 7.19
N ARG A 141 -1.05 14.45 6.99
CA ARG A 141 -0.31 14.89 5.79
C ARG A 141 -0.71 13.99 4.63
N VAL A 142 -1.29 14.54 3.58
CA VAL A 142 -1.84 13.75 2.45
C VAL A 142 -1.15 14.18 1.17
N LEU A 143 -0.62 13.22 0.42
CA LEU A 143 -0.03 13.48 -0.92
C LEU A 143 -1.15 13.53 -1.96
N THR A 144 -1.86 14.66 -2.04
CA THR A 144 -3.00 14.86 -2.97
C THR A 144 -2.46 15.02 -4.39
N GLY A 145 -1.25 15.56 -4.50
CA GLY A 145 -0.58 15.83 -5.77
C GLY A 145 -1.50 16.51 -6.76
N VAL A 146 -1.54 15.97 -7.98
CA VAL A 146 -2.40 16.46 -9.08
C VAL A 146 -3.69 15.67 -9.02
N PHE A 147 -4.83 16.34 -8.91
CA PHE A 147 -6.10 15.65 -8.60
C PHE A 147 -7.13 15.97 -9.69
N THR A 148 -8.16 15.14 -9.73
CA THR A 148 -9.28 15.25 -10.67
C THR A 148 -10.55 14.92 -9.90
N LYS A 149 -11.71 15.13 -10.52
CA LYS A 149 -12.99 14.78 -9.89
C LYS A 149 -13.11 13.28 -9.84
N GLY A 150 -13.60 12.75 -8.73
CA GLY A 150 -13.80 11.32 -8.52
C GLY A 150 -15.15 10.89 -9.03
N ARG A 151 -15.38 9.60 -9.04
CA ARG A 151 -16.67 9.00 -9.43
CA ARG A 151 -16.70 9.03 -9.36
C ARG A 151 -16.77 7.66 -8.71
N ALA A 152 -17.97 7.18 -8.52
CA ALA A 152 -18.27 5.93 -7.79
C ALA A 152 -17.55 4.78 -8.50
N GLY A 153 -16.93 3.91 -7.71
CA GLY A 153 -16.37 2.65 -8.21
C GLY A 153 -14.90 2.72 -8.63
N LEU A 154 -14.26 3.90 -8.67
CA LEU A 154 -12.79 3.98 -8.91
C LEU A 154 -12.06 3.07 -7.91
N VAL A 155 -11.09 2.30 -8.39
CA VAL A 155 -10.19 1.52 -7.49
C VAL A 155 -8.83 2.21 -7.44
N THR A 156 -8.51 3.03 -8.44
CA THR A 156 -7.33 3.92 -8.45
C THR A 156 -7.78 5.24 -9.06
N PRO A 157 -6.96 6.30 -9.01
CA PRO A 157 -7.33 7.53 -9.67
C PRO A 157 -7.36 7.24 -11.16
N PRO A 158 -8.09 8.08 -11.94
CA PRO A 158 -8.10 7.94 -13.39
C PRO A 158 -6.75 8.27 -14.01
N PRO A 159 -6.56 7.86 -15.28
CA PRO A 159 -5.38 8.28 -16.03
C PRO A 159 -5.36 9.78 -16.34
N LYS A 160 -4.18 10.37 -16.38
CA LYS A 160 -3.91 11.81 -16.64
C LYS A 160 -4.13 12.12 -18.12
N ASN A 161 -4.74 11.18 -18.85
CA ASN A 161 -4.81 11.12 -20.33
C ASN A 161 -4.99 9.66 -20.73
N PRO A 162 -6.22 9.21 -21.04
CA PRO A 162 -6.48 7.77 -21.22
C PRO A 162 -5.85 7.14 -22.47
N HIS A 163 -5.04 7.90 -23.24
CA HIS A 163 -4.11 7.37 -24.28
C HIS A 163 -2.93 6.66 -23.60
N ASN A 164 -2.48 7.15 -22.44
CA ASN A 164 -1.38 6.61 -21.60
C ASN A 164 -1.95 6.17 -20.25
N PRO A 165 -2.76 5.08 -20.24
CA PRO A 165 -3.61 4.77 -19.09
C PRO A 165 -2.92 4.37 -17.76
N THR A 166 -1.59 4.22 -17.71
CA THR A 166 -0.88 3.89 -16.44
C THR A 166 -0.27 5.16 -15.81
N ASP A 167 -0.27 6.30 -16.49
CA ASP A 167 0.16 7.58 -15.84
C ASP A 167 -1.05 8.17 -15.10
N LEU A 168 -1.10 8.12 -13.77
CA LEU A 168 -2.37 8.35 -13.01
C LEU A 168 -2.36 9.72 -12.33
N PHE A 169 -3.55 10.32 -12.15
CA PHE A 169 -3.69 11.40 -11.14
C PHE A 169 -3.26 10.85 -9.78
N ASP A 170 -2.97 11.71 -8.80
CA ASP A 170 -2.50 11.27 -7.46
C ASP A 170 -3.67 10.99 -6.51
N SER A 171 -4.79 11.66 -6.74
CA SER A 171 -5.96 11.60 -5.84
C SER A 171 -7.16 12.11 -6.62
N VAL A 172 -8.31 11.95 -6.01
CA VAL A 172 -9.57 12.51 -6.60
C VAL A 172 -10.27 13.32 -5.53
N THR A 173 -11.19 14.15 -5.96
CA THR A 173 -11.90 15.09 -5.08
C THR A 173 -13.39 15.09 -5.45
N ASN A 174 -14.21 15.78 -4.66
CA ASN A 174 -15.65 15.98 -5.01
C ASN A 174 -15.76 17.11 -6.04
N ASN A 175 -14.80 18.04 -6.03
CA ASN A 175 -14.91 19.34 -6.72
C ASN A 175 -13.52 19.91 -6.89
N THR A 176 -13.06 20.04 -8.14
CA THR A 176 -11.66 20.38 -8.44
C THR A 176 -11.41 21.86 -8.15
N ARG A 177 -12.43 22.70 -8.32
CA ARG A 177 -12.31 24.16 -8.14
C ARG A 177 -12.32 24.52 -6.64
N SER A 178 -13.11 23.83 -5.81
CA SER A 178 -13.27 24.12 -4.36
C SER A 178 -13.43 22.79 -3.62
N PRO A 179 -12.36 21.98 -3.54
CA PRO A 179 -12.46 20.65 -2.93
C PRO A 179 -12.83 20.71 -1.45
N LYS A 180 -13.72 19.84 -1.01
CA LYS A 180 -13.94 19.65 0.45
C LYS A 180 -13.52 18.25 0.88
N LEU A 181 -13.27 17.34 -0.07
CA LEU A 181 -12.75 16.02 0.30
C LEU A 181 -11.73 15.54 -0.73
N PHE A 182 -10.81 14.71 -0.24
CA PHE A 182 -9.82 14.03 -1.10
C PHE A 182 -9.88 12.53 -0.78
N VAL A 183 -9.70 11.73 -1.83
CA VAL A 183 -9.59 10.26 -1.77
C VAL A 183 -8.23 9.87 -2.30
N VAL A 184 -7.50 9.07 -1.54
CA VAL A 184 -6.27 8.42 -2.04
C VAL A 184 -6.46 6.89 -1.99
N PHE A 185 -5.78 6.22 -2.90
CA PHE A 185 -6.03 4.79 -3.23
C PHE A 185 -4.80 3.93 -2.97
N PHE A 186 -3.75 4.49 -2.38
CA PHE A 186 -2.54 3.71 -2.05
C PHE A 186 -2.12 3.93 -0.60
N ASP A 187 -1.51 2.89 -0.05
CA ASP A 187 -0.96 2.90 1.30
C ASP A 187 0.16 3.94 1.33
N ASN A 188 0.39 4.56 2.46
CA ASN A 188 1.60 5.43 2.55
C ASN A 188 1.47 6.68 1.65
N GLN A 189 0.24 7.04 1.24
CA GLN A 189 0.01 8.37 0.64
C GLN A 189 -0.44 9.36 1.72
N ALA A 190 -0.54 8.92 2.95
CA ALA A 190 -1.13 9.72 4.03
C ALA A 190 -0.41 9.36 5.30
N TYR A 191 0.05 10.37 6.01
CA TYR A 191 0.77 10.20 7.28
C TYR A 191 -0.09 10.82 8.37
N PRO A 192 -0.57 10.03 9.35
CA PRO A 192 -1.32 10.55 10.48
C PRO A 192 -0.33 11.30 11.38
N GLU A 193 -0.46 12.63 11.43
CA GLU A 193 0.50 13.49 12.15
C GLU A 193 0.03 13.80 13.59
N TYR A 194 -1.26 14.08 13.82
CA TYR A 194 -1.80 14.36 15.18
C TYR A 194 -3.13 13.66 15.35
N LEU A 195 -3.41 13.21 16.57
CA LEU A 195 -4.72 12.70 17.00
C LEU A 195 -5.33 13.67 18.01
N ILE A 196 -6.50 14.18 17.66
CA ILE A 196 -7.32 15.08 18.51
C ILE A 196 -8.39 14.20 19.13
N THR A 197 -8.40 14.17 20.45
CA THR A 197 -9.47 13.58 21.28
C THR A 197 -10.35 14.74 21.77
N PHE A 198 -11.65 14.65 21.50
CA PHE A 198 -12.58 15.78 21.76
C PHE A 198 -13.95 15.21 22.09
N THR A 199 -14.82 16.09 22.58
CA THR A 199 -16.23 15.77 22.94
C THR A 199 -17.13 16.85 22.33
N ALA A 200 -18.39 16.50 22.11
CA ALA A 200 -19.48 17.38 21.62
C ALA A 200 -19.76 18.52 22.62
N ASN B 3 21.72 2.80 -4.70
CA ASN B 3 20.31 3.15 -5.06
C ASN B 3 19.63 1.91 -5.67
N LEU B 4 20.03 1.50 -6.89
CA LEU B 4 19.41 0.37 -7.63
C LEU B 4 20.43 -0.76 -7.75
N PRO B 5 20.02 -2.03 -7.95
CA PRO B 5 20.96 -3.15 -8.00
C PRO B 5 22.03 -2.94 -9.08
N GLU B 6 23.30 -3.22 -8.77
CA GLU B 6 24.41 -2.84 -9.67
C GLU B 6 24.46 -3.74 -10.91
N HIS B 7 23.70 -4.83 -10.95
CA HIS B 7 23.59 -5.72 -12.14
C HIS B 7 22.42 -5.31 -13.05
N TRP B 8 21.52 -4.41 -12.64
CA TRP B 8 20.50 -3.86 -13.56
C TRP B 8 21.18 -3.18 -14.76
N THR B 9 20.50 -3.16 -15.90
CA THR B 9 20.91 -2.42 -17.12
C THR B 9 20.89 -0.92 -16.81
N ASP B 10 21.85 -0.18 -17.36
CA ASP B 10 21.82 1.31 -17.28
C ASP B 10 20.46 1.76 -17.81
N MET B 11 19.76 2.60 -17.07
CA MET B 11 18.40 2.99 -17.52
C MET B 11 18.37 4.44 -18.01
N ASN B 12 19.50 5.16 -17.92
CA ASN B 12 19.65 6.52 -18.50
C ASN B 12 18.60 7.44 -17.87
N HIS B 13 18.62 7.54 -16.54
CA HIS B 13 17.72 8.41 -15.71
C HIS B 13 16.24 8.19 -16.11
N GLN B 14 15.92 7.10 -16.82
CA GLN B 14 14.53 6.58 -16.95
C GLN B 14 14.22 5.77 -15.68
N LEU B 15 12.96 5.61 -15.35
CA LEU B 15 12.48 5.05 -14.05
C LEU B 15 12.07 3.60 -14.24
N PHE B 16 11.98 3.13 -15.49
CA PHE B 16 11.35 1.84 -15.82
C PHE B 16 11.93 1.28 -17.10
N CYS B 17 12.38 0.01 -17.07
CA CYS B 17 12.90 -0.75 -18.23
C CYS B 17 12.51 -2.22 -18.03
N MET B 18 12.12 -2.92 -19.09
CA MET B 18 11.98 -4.39 -19.16
C MET B 18 13.23 -4.89 -19.88
N VAL B 19 13.93 -5.87 -19.31
CA VAL B 19 15.17 -6.37 -19.95
C VAL B 19 14.95 -7.82 -20.33
N GLN B 20 15.06 -8.11 -21.62
CA GLN B 20 14.98 -9.48 -22.13
C GLN B 20 16.22 -10.28 -21.72
N LEU B 21 16.04 -11.41 -21.02
CA LEU B 21 17.16 -12.27 -20.58
C LEU B 21 17.58 -13.25 -21.69
N GLU B 22 18.83 -13.73 -21.61
CA GLU B 22 19.39 -14.69 -22.61
C GLU B 22 19.44 -16.09 -22.03
N PRO B 23 18.84 -17.07 -22.70
CA PRO B 23 19.02 -18.48 -22.32
C PRO B 23 20.51 -18.84 -22.19
N GLY B 24 20.83 -19.68 -21.21
CA GLY B 24 22.24 -20.06 -20.95
C GLY B 24 22.85 -19.15 -19.89
N GLN B 25 22.35 -17.93 -19.70
CA GLN B 25 22.75 -17.12 -18.52
C GLN B 25 22.13 -17.74 -17.27
N SER B 26 22.84 -17.67 -16.16
CA SER B 26 22.38 -18.25 -14.88
C SER B 26 20.99 -17.66 -14.56
N GLU B 27 20.84 -16.37 -14.79
CA GLU B 27 19.63 -15.64 -14.34
C GLU B 27 18.40 -16.21 -15.05
N TYR B 28 18.49 -16.41 -16.36
CA TYR B 28 17.39 -17.01 -17.17
C TYR B 28 17.18 -18.45 -16.73
N ASN B 29 18.26 -19.23 -16.65
CA ASN B 29 18.19 -20.69 -16.49
C ASN B 29 17.61 -21.01 -15.11
N THR B 30 17.95 -20.24 -14.08
CA THR B 30 17.39 -20.48 -12.72
C THR B 30 15.88 -20.24 -12.73
N ILE B 31 15.40 -19.21 -13.40
CA ILE B 31 13.94 -18.96 -13.49
C ILE B 31 13.31 -20.09 -14.31
N LYS B 32 13.90 -20.44 -15.45
CA LYS B 32 13.35 -21.55 -16.29
C LYS B 32 13.25 -22.83 -15.45
N ASP B 33 14.28 -23.15 -14.64
CA ASP B 33 14.28 -24.39 -13.80
C ASP B 33 13.17 -24.29 -12.77
N LYS B 34 13.01 -23.15 -12.11
CA LYS B 34 11.96 -22.96 -11.07
C LYS B 34 10.60 -23.18 -11.73
N PHE B 35 10.43 -22.64 -12.92
CA PHE B 35 9.18 -22.81 -13.70
C PHE B 35 8.96 -24.29 -14.07
N THR B 36 9.94 -24.91 -14.72
CA THR B 36 9.76 -26.26 -15.32
C THR B 36 9.73 -27.33 -14.23
N ARG B 37 10.14 -27.00 -13.01
CA ARG B 37 10.04 -27.96 -11.89
C ARG B 37 8.58 -28.44 -11.77
N THR B 38 7.55 -27.61 -12.02
CA THR B 38 6.12 -28.04 -11.91
C THR B 38 5.37 -27.83 -13.22
N CYS B 39 5.96 -27.17 -14.22
CA CYS B 39 5.27 -26.76 -15.46
CA CYS B 39 5.30 -26.73 -15.47
C CYS B 39 6.02 -27.25 -16.71
N SER B 40 6.33 -28.54 -16.81
CA SER B 40 7.16 -29.07 -17.93
C SER B 40 6.36 -29.16 -19.24
N SER B 41 5.02 -29.16 -19.19
CA SER B 41 4.14 -29.26 -20.39
C SER B 41 3.81 -27.88 -21.02
N TYR B 42 4.41 -26.78 -20.56
CA TYR B 42 4.37 -25.47 -21.25
C TYR B 42 5.77 -25.18 -21.78
N ALA B 43 5.93 -24.17 -22.63
CA ALA B 43 7.24 -23.76 -23.17
C ALA B 43 7.38 -22.25 -22.99
N ILE B 44 8.55 -21.81 -22.56
CA ILE B 44 8.81 -20.37 -22.34
C ILE B 44 9.13 -19.69 -23.67
N GLU B 45 8.43 -18.57 -23.94
CA GLU B 45 8.74 -17.69 -25.09
C GLU B 45 9.90 -16.79 -24.71
N LYS B 46 9.79 -16.12 -23.56
CA LYS B 46 10.85 -15.20 -23.12
C LYS B 46 10.67 -14.89 -21.63
N ILE B 47 11.75 -14.40 -21.03
CA ILE B 47 11.79 -13.97 -19.61
C ILE B 47 12.38 -12.56 -19.61
N GLU B 48 11.64 -11.60 -19.06
CA GLU B 48 12.07 -10.20 -18.97
C GLU B 48 12.30 -9.88 -17.50
N ARG B 49 13.43 -9.25 -17.21
CA ARG B 49 13.67 -8.64 -15.88
C ARG B 49 12.94 -7.30 -15.81
N ILE B 50 12.18 -7.04 -14.72
CA ILE B 50 11.43 -5.77 -14.53
C ILE B 50 12.30 -4.85 -13.66
N GLN B 51 12.67 -3.70 -14.21
CA GLN B 51 13.50 -2.67 -13.55
C GLN B 51 12.59 -1.47 -13.32
N ASN B 52 11.93 -1.43 -12.18
CA ASN B 52 10.99 -0.33 -11.84
C ASN B 52 11.56 0.35 -10.60
N ALA B 53 12.17 1.52 -10.75
CA ALA B 53 12.97 2.16 -9.67
C ALA B 53 12.05 2.45 -8.47
N PHE B 54 10.89 3.05 -8.71
CA PHE B 54 9.99 3.49 -7.64
C PHE B 54 9.45 2.26 -6.91
N LEU B 55 8.98 1.22 -7.60
CA LEU B 55 8.45 0.01 -6.92
C LEU B 55 9.57 -0.66 -6.10
N TRP B 56 10.77 -0.75 -6.66
CA TRP B 56 11.93 -1.33 -6.00
C TRP B 56 12.22 -0.58 -4.71
N GLN B 57 12.30 0.75 -4.78
CA GLN B 57 12.58 1.63 -3.61
CA GLN B 57 12.60 1.60 -3.59
C GLN B 57 11.55 1.34 -2.49
N SER B 58 10.26 1.39 -2.83
CA SER B 58 9.15 1.25 -1.85
C SER B 58 9.19 -0.14 -1.23
N TYR B 59 9.36 -1.17 -2.08
CA TYR B 59 9.47 -2.58 -1.66
C TYR B 59 10.63 -2.74 -0.69
N GLN B 60 11.82 -2.21 -1.05
CA GLN B 60 13.07 -2.36 -0.26
C GLN B 60 12.90 -1.69 1.10
N VAL B 61 12.25 -0.55 1.19
CA VAL B 61 11.90 0.09 2.47
C VAL B 61 11.04 -0.87 3.31
N LYS B 62 10.00 -1.45 2.73
CA LYS B 62 9.13 -2.41 3.44
C LYS B 62 9.96 -3.62 3.88
N LYS B 63 10.91 -4.05 3.06
CA LYS B 63 11.72 -5.25 3.41
C LYS B 63 12.61 -4.92 4.62
N ARG B 64 13.31 -3.79 4.56
CA ARG B 64 14.15 -3.27 5.65
C ARG B 64 13.32 -3.23 6.94
N GLN B 65 12.11 -2.70 6.86
CA GLN B 65 11.18 -2.54 8.02
C GLN B 65 10.86 -3.91 8.61
N MET B 66 10.52 -4.88 7.78
CA MET B 66 10.19 -6.24 8.21
C MET B 66 11.45 -6.93 8.74
N ASP B 67 12.61 -6.71 8.13
CA ASP B 67 13.87 -7.32 8.63
C ASP B 67 14.16 -6.78 10.04
N ILE B 68 13.91 -5.50 10.28
CA ILE B 68 14.13 -4.86 11.60
C ILE B 68 13.12 -5.45 12.59
N LYS B 69 11.86 -5.50 12.21
CA LYS B 69 10.77 -5.92 13.13
C LYS B 69 10.93 -7.38 13.55
N ASN B 70 11.17 -8.27 12.59
CA ASN B 70 11.18 -9.73 12.83
C ASN B 70 12.57 -10.15 13.32
N ASP B 71 12.63 -11.33 13.93
CA ASP B 71 13.86 -11.80 14.62
C ASP B 71 14.66 -12.74 13.71
N HIS B 72 15.54 -12.16 12.87
CA HIS B 72 16.44 -12.90 11.95
C HIS B 72 15.58 -13.87 11.14
N LYS B 73 14.45 -13.41 10.62
CA LYS B 73 13.55 -14.30 9.84
C LYS B 73 13.95 -14.19 8.38
N ASN B 74 13.74 -15.25 7.60
CA ASN B 74 13.84 -15.18 6.13
C ASN B 74 12.48 -14.62 5.72
N ASN B 75 12.40 -13.33 5.54
CA ASN B 75 11.10 -12.64 5.34
C ASN B 75 10.65 -12.70 3.89
N GLU B 76 11.56 -13.01 2.93
CA GLU B 76 11.27 -12.87 1.47
C GLU B 76 11.32 -14.25 0.80
N ARG B 77 10.29 -14.55 0.02
CA ARG B 77 10.20 -15.76 -0.81
C ARG B 77 10.03 -15.34 -2.24
N LEU B 78 10.45 -16.21 -3.15
CA LEU B 78 10.27 -15.95 -4.59
C LEU B 78 9.09 -16.79 -5.02
N LEU B 79 7.99 -16.13 -5.42
CA LEU B 79 6.71 -16.80 -5.71
C LEU B 79 6.25 -16.42 -7.12
N PHE B 80 5.23 -17.11 -7.61
CA PHE B 80 4.68 -16.90 -8.95
C PHE B 80 3.33 -16.20 -8.86
N HIS B 81 3.03 -15.43 -9.90
CA HIS B 81 1.71 -14.78 -10.03
C HIS B 81 1.26 -14.80 -11.48
N GLY B 82 0.25 -15.61 -11.77
CA GLY B 82 -0.35 -15.67 -13.13
C GLY B 82 -1.32 -14.54 -13.28
N THR B 83 -1.29 -13.83 -14.39
CA THR B 83 -2.31 -12.79 -14.62
C THR B 83 -2.63 -12.70 -16.12
N ASP B 84 -3.66 -11.92 -16.43
CA ASP B 84 -4.14 -11.70 -17.84
C ASP B 84 -3.29 -10.58 -18.44
N ALA B 85 -3.25 -10.52 -19.78
CA ALA B 85 -2.43 -9.55 -20.55
C ALA B 85 -2.83 -8.13 -20.21
N ASP B 86 -4.13 -7.95 -19.98
CA ASP B 86 -4.79 -6.64 -19.73
C ASP B 86 -4.19 -6.04 -18.44
N SER B 87 -3.74 -6.85 -17.50
CA SER B 87 -3.19 -6.42 -16.18
C SER B 87 -1.68 -6.14 -16.25
N VAL B 88 -0.97 -6.64 -17.28
CA VAL B 88 0.53 -6.64 -17.29
C VAL B 88 1.08 -5.20 -17.25
N PRO B 89 0.60 -4.25 -18.08
CA PRO B 89 1.16 -2.89 -18.04
C PRO B 89 0.98 -2.21 -16.67
N TYR B 90 -0.17 -2.44 -16.05
CA TYR B 90 -0.42 -1.91 -14.68
C TYR B 90 0.54 -2.51 -13.66
N VAL B 91 0.70 -3.82 -13.66
CA VAL B 91 1.58 -4.49 -12.67
C VAL B 91 3.02 -4.03 -12.93
N ASN B 92 3.46 -4.02 -14.19
CA ASN B 92 4.83 -3.59 -14.56
C ASN B 92 5.12 -2.22 -13.95
N GLN B 93 4.19 -1.31 -14.03
CA GLN B 93 4.35 0.12 -13.63
C GLN B 93 4.03 0.32 -12.14
N HIS B 94 3.01 -0.37 -11.59
CA HIS B 94 2.37 0.03 -10.30
C HIS B 94 2.36 -1.09 -9.30
N GLY B 95 2.66 -2.32 -9.70
CA GLY B 95 2.73 -3.48 -8.81
C GLY B 95 1.37 -4.09 -8.58
N PHE B 96 1.24 -4.84 -7.50
CA PHE B 96 0.10 -5.72 -7.19
C PHE B 96 -0.84 -4.95 -6.29
N ASN B 97 -2.09 -4.82 -6.71
CA ASN B 97 -3.09 -3.96 -6.06
C ASN B 97 -4.21 -4.87 -5.59
N ARG B 98 -4.34 -5.05 -4.28
CA ARG B 98 -5.39 -5.93 -3.70
C ARG B 98 -6.78 -5.49 -4.14
N SER B 99 -6.97 -4.22 -4.49
CA SER B 99 -8.29 -3.67 -4.90
C SER B 99 -8.70 -4.23 -6.28
N CYS B 100 -7.74 -4.80 -7.02
CA CYS B 100 -7.90 -5.39 -8.37
C CYS B 100 -7.93 -6.92 -8.31
N ALA B 101 -7.61 -7.51 -7.15
CA ALA B 101 -7.37 -8.96 -7.00
C ALA B 101 -8.64 -9.78 -7.31
N GLY B 102 -8.45 -10.92 -7.99
CA GLY B 102 -9.45 -11.99 -8.18
C GLY B 102 -9.87 -12.62 -6.86
N LYS B 103 -11.11 -13.09 -6.74
CA LYS B 103 -11.54 -14.07 -5.71
C LYS B 103 -10.89 -15.42 -6.09
N ASN B 104 -10.03 -15.96 -5.22
CA ASN B 104 -9.34 -17.25 -5.46
C ASN B 104 -10.37 -18.38 -5.26
N ALA B 105 -10.23 -19.48 -5.98
CA ALA B 105 -11.10 -20.68 -5.88
C ALA B 105 -11.09 -21.19 -4.44
N VAL B 106 -9.95 -21.14 -3.77
CA VAL B 106 -9.91 -21.38 -2.30
C VAL B 106 -9.43 -20.08 -1.67
N SER B 107 -10.31 -19.33 -1.03
CA SER B 107 -9.99 -17.99 -0.48
C SER B 107 -9.45 -18.11 0.92
N TYR B 108 -8.24 -17.54 1.15
CA TYR B 108 -7.62 -17.39 2.48
C TYR B 108 -7.52 -15.92 2.85
N GLY B 109 -8.22 -15.09 2.12
CA GLY B 109 -8.42 -13.69 2.48
C GLY B 109 -8.52 -12.85 1.27
N LYS B 110 -8.94 -11.62 1.47
CA LYS B 110 -9.16 -10.61 0.40
C LYS B 110 -7.85 -9.86 0.16
N GLY B 111 -6.93 -10.49 -0.54
CA GLY B 111 -5.62 -9.87 -0.85
C GLY B 111 -5.11 -10.41 -2.16
N THR B 112 -3.86 -10.13 -2.42
CA THR B 112 -3.17 -10.54 -3.67
C THR B 112 -2.52 -11.90 -3.43
N TYR B 113 -2.75 -12.86 -4.34
CA TYR B 113 -2.32 -14.27 -4.20
C TYR B 113 -1.01 -14.47 -4.95
N PHE B 114 -0.15 -15.29 -4.36
CA PHE B 114 1.16 -15.74 -4.89
C PHE B 114 1.29 -17.23 -4.66
N ALA B 115 1.80 -17.94 -5.65
CA ALA B 115 1.86 -19.41 -5.66
C ALA B 115 3.29 -19.83 -5.42
N VAL B 116 3.47 -20.89 -4.66
CA VAL B 116 4.79 -21.58 -4.54
C VAL B 116 5.11 -22.26 -5.86
N ASP B 117 4.13 -22.89 -6.49
CA ASP B 117 4.37 -23.71 -7.71
C ASP B 117 3.89 -22.99 -8.97
N ALA B 118 4.75 -22.92 -9.99
CA ALA B 118 4.38 -22.30 -11.29
C ALA B 118 3.12 -22.96 -11.85
N SER B 119 2.94 -24.28 -11.63
CA SER B 119 1.80 -25.06 -12.19
C SER B 119 0.49 -24.41 -11.71
N TYR B 120 0.48 -23.87 -10.51
CA TYR B 120 -0.77 -23.27 -9.96
C TYR B 120 -1.07 -21.98 -10.72
N SER B 121 -0.07 -21.09 -10.82
CA SER B 121 -0.13 -19.83 -11.58
C SER B 121 -0.39 -20.05 -13.08
N ALA B 122 0.04 -21.21 -13.61
CA ALA B 122 -0.10 -21.61 -15.05
C ALA B 122 -1.56 -21.92 -15.37
N LYS B 123 -2.43 -22.09 -14.39
CA LYS B 123 -3.86 -22.35 -14.70
C LYS B 123 -4.45 -21.19 -15.50
N ASP B 124 -5.32 -21.52 -16.47
CA ASP B 124 -5.96 -20.51 -17.37
C ASP B 124 -6.77 -19.47 -16.56
N THR B 125 -7.32 -19.84 -15.40
CA THR B 125 -8.05 -18.93 -14.49
C THR B 125 -7.18 -17.73 -14.09
N TYR B 126 -5.87 -17.93 -13.97
CA TYR B 126 -4.92 -16.85 -13.55
C TYR B 126 -4.23 -16.26 -14.79
N SER B 127 -3.39 -17.06 -15.42
CA SER B 127 -2.57 -16.73 -16.62
C SER B 127 -3.44 -16.90 -17.87
N LYS B 128 -4.50 -16.12 -17.97
CA LYS B 128 -5.48 -16.23 -19.08
C LYS B 128 -4.72 -16.10 -20.41
N PRO B 129 -4.85 -17.03 -21.37
CA PRO B 129 -4.19 -16.88 -22.65
C PRO B 129 -4.77 -15.66 -23.35
N ASP B 130 -3.89 -14.88 -23.95
CA ASP B 130 -4.29 -13.68 -24.70
C ASP B 130 -4.72 -14.14 -26.10
N SER B 131 -5.07 -13.18 -26.94
CA SER B 131 -5.65 -13.46 -28.28
C SER B 131 -4.62 -14.21 -29.15
N ASN B 132 -3.33 -14.22 -28.77
CA ASN B 132 -2.27 -14.95 -29.51
C ASN B 132 -1.88 -16.23 -28.78
N GLY B 133 -2.58 -16.63 -27.71
CA GLY B 133 -2.26 -17.86 -26.98
C GLY B 133 -1.08 -17.70 -26.04
N ARG B 134 -0.65 -16.47 -25.79
CA ARG B 134 0.43 -16.25 -24.81
C ARG B 134 -0.18 -16.14 -23.42
N LYS B 135 0.46 -16.80 -22.47
CA LYS B 135 0.15 -16.74 -21.03
C LYS B 135 1.29 -16.02 -20.31
N HIS B 136 0.96 -15.31 -19.23
CA HIS B 136 1.87 -14.39 -18.51
C HIS B 136 1.90 -14.72 -17.01
N MET B 137 3.10 -14.86 -16.47
CA MET B 137 3.28 -15.22 -15.07
C MET B 137 4.44 -14.37 -14.58
N TYR B 138 4.25 -13.69 -13.46
CA TYR B 138 5.34 -12.96 -12.79
C TYR B 138 6.04 -13.92 -11.86
N VAL B 139 7.32 -13.65 -11.67
CA VAL B 139 8.16 -14.19 -10.59
C VAL B 139 8.40 -13.01 -9.68
N VAL B 140 8.07 -13.17 -8.40
CA VAL B 140 7.81 -12.02 -7.51
C VAL B 140 8.59 -12.25 -6.23
N ARG B 141 9.29 -11.22 -5.79
CA ARG B 141 9.81 -11.16 -4.43
C ARG B 141 8.63 -10.78 -3.52
N VAL B 142 8.33 -11.63 -2.55
CA VAL B 142 7.16 -11.46 -1.65
C VAL B 142 7.62 -11.47 -0.21
N LEU B 143 7.24 -10.43 0.52
CA LEU B 143 7.60 -10.36 1.96
C LEU B 143 6.51 -11.12 2.73
N THR B 144 6.67 -12.44 2.78
CA THR B 144 5.79 -13.39 3.51
C THR B 144 5.98 -13.23 5.02
N GLY B 145 7.22 -12.93 5.44
CA GLY B 145 7.55 -12.73 6.87
C GLY B 145 7.06 -13.90 7.72
N VAL B 146 6.40 -13.58 8.82
CA VAL B 146 5.86 -14.59 9.75
C VAL B 146 4.39 -14.76 9.40
N PHE B 147 3.97 -15.98 9.14
CA PHE B 147 2.63 -16.19 8.57
C PHE B 147 1.84 -17.25 9.33
N THR B 148 0.54 -17.26 9.06
CA THR B 148 -0.41 -18.20 9.67
C THR B 148 -1.41 -18.61 8.60
N LYS B 149 -2.21 -19.60 8.87
CA LYS B 149 -3.29 -19.99 7.96
C LYS B 149 -4.31 -18.86 7.86
N GLY B 150 -4.70 -18.50 6.65
CA GLY B 150 -5.66 -17.41 6.43
C GLY B 150 -7.08 -17.94 6.56
N ARG B 151 -8.03 -17.05 6.32
CA ARG B 151 -9.46 -17.39 6.28
C ARG B 151 -10.13 -16.36 5.37
N ALA B 152 -11.23 -16.76 4.75
CA ALA B 152 -11.80 -15.99 3.65
C ALA B 152 -12.16 -14.56 4.11
N GLY B 153 -12.54 -14.33 5.37
CA GLY B 153 -13.03 -12.98 5.71
C GLY B 153 -11.95 -11.90 5.80
N LEU B 154 -10.67 -12.26 5.75
CA LEU B 154 -9.59 -11.31 6.16
C LEU B 154 -9.45 -10.17 5.15
N VAL B 155 -9.24 -8.96 5.64
CA VAL B 155 -8.84 -7.81 4.76
C VAL B 155 -7.43 -7.35 5.09
N THR B 156 -6.90 -7.77 6.25
CA THR B 156 -5.44 -7.72 6.57
C THR B 156 -5.08 -9.04 7.19
N PRO B 157 -3.77 -9.30 7.44
CA PRO B 157 -3.40 -10.51 8.15
C PRO B 157 -3.98 -10.44 9.56
N PRO B 158 -4.22 -11.58 10.21
CA PRO B 158 -4.79 -11.57 11.55
C PRO B 158 -3.72 -11.08 12.51
N PRO B 159 -4.14 -10.69 13.72
CA PRO B 159 -3.19 -10.43 14.80
C PRO B 159 -2.54 -11.72 15.29
N LYS B 160 -1.29 -11.66 15.75
CA LYS B 160 -0.63 -12.80 16.41
C LYS B 160 -1.35 -13.12 17.72
N ASN B 161 -1.89 -12.08 18.35
CA ASN B 161 -2.51 -12.11 19.69
C ASN B 161 -3.79 -11.31 19.65
N PRO B 162 -4.95 -11.93 19.91
CA PRO B 162 -6.21 -11.23 19.81
C PRO B 162 -6.34 -10.04 20.76
N HIS B 163 -5.55 -10.02 21.84
CA HIS B 163 -5.59 -8.91 22.85
C HIS B 163 -4.63 -7.78 22.41
N ASN B 164 -3.95 -7.95 21.29
CA ASN B 164 -3.11 -6.85 20.73
C ASN B 164 -3.42 -6.83 19.25
N PRO B 165 -4.59 -6.32 18.89
CA PRO B 165 -5.09 -6.44 17.51
C PRO B 165 -4.21 -5.77 16.44
N THR B 166 -3.23 -4.93 16.79
CA THR B 166 -2.42 -4.18 15.77
C THR B 166 -1.08 -4.88 15.48
N ASP B 167 -0.73 -5.94 16.22
CA ASP B 167 0.54 -6.65 16.01
C ASP B 167 0.22 -7.87 15.14
N LEU B 168 0.40 -7.70 13.83
CA LEU B 168 -0.14 -8.56 12.76
C LEU B 168 0.90 -9.56 12.32
N PHE B 169 0.40 -10.72 11.85
CA PHE B 169 1.19 -11.57 10.95
C PHE B 169 1.52 -10.74 9.70
N ASP B 170 2.58 -11.12 8.98
CA ASP B 170 2.97 -10.38 7.76
C ASP B 170 2.15 -10.82 6.56
N SER B 171 1.78 -12.09 6.51
CA SER B 171 0.98 -12.66 5.41
C SER B 171 0.23 -13.89 5.92
N VAL B 172 -0.62 -14.44 5.08
CA VAL B 172 -1.30 -15.72 5.40
C VAL B 172 -1.04 -16.74 4.29
N THR B 173 -1.26 -18.00 4.64
CA THR B 173 -1.01 -19.13 3.73
C THR B 173 -2.21 -20.08 3.79
N ASN B 174 -2.26 -21.06 2.90
CA ASN B 174 -3.34 -22.09 2.88
C ASN B 174 -3.05 -23.13 3.99
N ASN B 175 -1.78 -23.33 4.34
CA ASN B 175 -1.31 -24.45 5.19
C ASN B 175 0.11 -24.17 5.70
N THR B 176 0.31 -24.00 7.01
CA THR B 176 1.64 -23.53 7.51
C THR B 176 2.67 -24.66 7.44
N ARG B 177 2.25 -25.91 7.56
CA ARG B 177 3.11 -27.11 7.45
C ARG B 177 3.57 -27.29 5.99
N SER B 178 2.72 -27.02 5.00
CA SER B 178 3.07 -27.22 3.55
C SER B 178 2.57 -26.07 2.69
N PRO B 179 3.12 -24.84 2.82
CA PRO B 179 2.54 -23.68 2.15
C PRO B 179 2.62 -23.82 0.63
N LYS B 180 1.50 -23.58 -0.05
CA LYS B 180 1.45 -23.60 -1.52
C LYS B 180 1.00 -22.25 -2.07
N LEU B 181 0.39 -21.40 -1.25
CA LEU B 181 0.07 -20.02 -1.67
C LEU B 181 0.22 -19.10 -0.46
N PHE B 182 0.42 -17.84 -0.79
CA PHE B 182 0.50 -16.77 0.21
C PHE B 182 -0.39 -15.63 -0.25
N VAL B 183 -0.94 -14.93 0.73
CA VAL B 183 -1.81 -13.76 0.47
C VAL B 183 -1.19 -12.58 1.17
N VAL B 184 -1.07 -11.46 0.45
CA VAL B 184 -0.55 -10.22 1.07
C VAL B 184 -1.60 -9.12 0.87
N PHE B 185 -1.64 -8.20 1.83
CA PHE B 185 -2.80 -7.30 2.06
C PHE B 185 -2.34 -5.83 2.01
N PHE B 186 -1.04 -5.60 1.73
CA PHE B 186 -0.48 -4.22 1.67
C PHE B 186 0.28 -3.97 0.37
N ASP B 187 0.25 -2.69 -0.03
CA ASP B 187 1.01 -2.17 -1.17
C ASP B 187 2.52 -2.29 -0.87
N ASN B 188 3.32 -2.63 -1.88
CA ASN B 188 4.81 -2.59 -1.81
C ASN B 188 5.31 -3.75 -0.94
N GLN B 189 4.53 -4.81 -0.77
CA GLN B 189 4.97 -6.00 -0.03
C GLN B 189 5.43 -7.05 -1.04
N ALA B 190 5.30 -6.74 -2.31
CA ALA B 190 5.63 -7.69 -3.39
C ALA B 190 6.23 -6.93 -4.57
N TYR B 191 7.37 -7.40 -5.07
CA TYR B 191 8.08 -6.75 -6.20
C TYR B 191 8.06 -7.67 -7.39
N PRO B 192 7.39 -7.29 -8.50
CA PRO B 192 7.36 -8.10 -9.72
C PRO B 192 8.76 -8.01 -10.33
N GLU B 193 9.53 -9.08 -10.22
CA GLU B 193 10.94 -9.09 -10.62
C GLU B 193 11.11 -9.62 -12.06
N TYR B 194 10.36 -10.63 -12.47
CA TYR B 194 10.46 -11.19 -13.85
C TYR B 194 9.04 -11.41 -14.34
N LEU B 195 8.89 -11.23 -15.65
CA LEU B 195 7.68 -11.64 -16.37
C LEU B 195 8.04 -12.80 -17.29
N ILE B 196 7.38 -13.94 -17.08
CA ILE B 196 7.53 -15.13 -17.98
C ILE B 196 6.38 -15.08 -18.99
N THR B 197 6.69 -15.04 -20.27
CA THR B 197 5.71 -15.21 -21.35
C THR B 197 5.85 -16.64 -21.84
N PHE B 198 4.75 -17.39 -21.93
CA PHE B 198 4.86 -18.83 -22.22
C PHE B 198 3.62 -19.26 -22.99
N THR B 199 3.68 -20.44 -23.56
CA THR B 199 2.61 -20.94 -24.46
C THR B 199 2.49 -22.45 -24.23
N ALA B 200 1.37 -23.02 -24.68
CA ALA B 200 1.22 -24.50 -24.81
C ALA B 200 2.08 -24.97 -26.01
#